data_2PMW
#
_entry.id   2PMW
#
_cell.length_a   63.106
_cell.length_b   70.709
_cell.length_c   150.693
_cell.angle_alpha   90.00
_cell.angle_beta   90.00
_cell.angle_gamma   90.00
#
_symmetry.space_group_name_H-M   'P 21 21 21'
#
loop_
_entity.id
_entity.type
_entity.pdbx_description
1 polymer 'Proprotein convertase subtilisin/kexin type 9'
2 polymer 'Proprotein convertase subtilisin/kexin type 9'
3 non-polymer 'SULFATE ION'
4 water water
#
loop_
_entity_poly.entity_id
_entity_poly.type
_entity_poly.pdbx_seq_one_letter_code
_entity_poly.pdbx_strand_id
1 'polypeptide(L)'
;GAMGQEDEDGDYEELVLALRSEEDGLAEAPEHGTTATFHRCAKDPWRLPGTYVVVLKEETHLSQSERTARRLQAQAARRG
YLTKILHVFHGLLPGFLVKMSGDLLELALKLPHVDYIEEDSSVFAQ
;
A
2 'polypeptide(L)'
;SIPWNLERITPPRYRADEYQPPDGGSLVEVYLLDTSIQSDHREIEGRVMVTDFENVPEEDGTRFHRQASKCDSHGTHLAG
VVSGRDAGVAKGASMRSLRVLNCQGKGTVSGTLIGLEFIRKSQLVQPVGPLVVLLPLAGGYSRVLNAACQRLARAGVVLV
TAAGNFRDDACLYSPASAPEVITVGATNAQDQPVTLGTLGTNFGRCVDLFAPGEDIIGASSDCSTCFVSQSGTSQAAAHV
AGIAAMMLSAEPELTLAELRQRLIHFSAKDVINEAWFPEDQRVLTPNLVAALPPSTHGAGWQLFCRTVWSAHSGPTRMAT
AVARCAPDEELLSCSSFSRSGKRRGERMEAQGGKLVCRAHNAFGGEGVYAIARCCLLPQANCSVHTAPPAEASMGTRVHC
HQQGHVLTGCSSHWEVEDLGTHKPPVLRPRGQPNQCVGHREASIHASCCHAPGLECKVKEHGIPAPQEQVTVACEEGWTL
TGCSALPGTSHVLGAYAVDNTCVVRSRDVSTTGSTSEGAVTAVAICCRSRHLAQASQELQ
;
B
#
# COMPACT_ATOMS: atom_id res chain seq x y z
N THR A 35 10.56 -3.01 26.41
CA THR A 35 9.38 -3.16 27.32
C THR A 35 8.09 -3.28 26.49
N ALA A 36 7.28 -4.29 26.78
CA ALA A 36 6.16 -4.64 25.92
C ALA A 36 4.98 -3.67 26.07
N THR A 37 4.23 -3.46 25.00
CA THR A 37 3.10 -2.53 25.01
C THR A 37 1.77 -3.19 24.68
N PHE A 38 0.68 -2.53 25.06
CA PHE A 38 -0.67 -3.06 24.86
C PHE A 38 -1.47 -2.21 23.89
N HIS A 39 -2.27 -2.86 23.05
CA HIS A 39 -3.00 -2.17 21.99
C HIS A 39 -4.40 -2.75 21.84
N ARG A 40 -5.38 -1.88 21.64
CA ARG A 40 -6.71 -2.35 21.25
C ARG A 40 -7.33 -1.42 20.21
N CYS A 41 -8.39 -1.89 19.56
CA CYS A 41 -8.98 -1.18 18.43
C CYS A 41 -9.49 0.19 18.86
N ALA A 42 -9.17 1.22 18.06
CA ALA A 42 -9.59 2.59 18.35
C ALA A 42 -11.07 2.78 18.06
N LYS A 43 -11.65 1.88 17.28
CA LYS A 43 -13.09 1.88 17.04
C LYS A 43 -13.77 1.03 18.12
N ASP A 44 -14.30 1.70 19.14
CA ASP A 44 -14.78 1.00 20.32
C ASP A 44 -15.81 -0.09 20.02
N PRO A 45 -16.82 0.22 19.19
CA PRO A 45 -17.77 -0.85 18.94
C PRO A 45 -17.18 -2.10 18.27
N TRP A 46 -15.98 -1.97 17.70
CA TRP A 46 -15.36 -3.10 17.00
C TRP A 46 -14.43 -3.91 17.91
N ARG A 47 -14.27 -3.48 19.15
CA ARG A 47 -13.43 -4.19 20.10
C ARG A 47 -14.07 -5.50 20.56
N LEU A 48 -13.24 -6.52 20.78
CA LEU A 48 -13.69 -7.79 21.35
C LEU A 48 -12.90 -8.14 22.62
N PRO A 49 -13.20 -7.45 23.73
CA PRO A 49 -12.46 -7.68 24.97
C PRO A 49 -12.63 -9.11 25.52
N GLY A 50 -11.65 -9.57 26.30
CA GLY A 50 -11.70 -10.93 26.80
C GLY A 50 -10.85 -11.91 26.02
N THR A 51 -10.40 -11.50 24.83
CA THR A 51 -9.47 -12.30 24.05
C THR A 51 -8.31 -11.44 23.55
N TYR A 52 -7.11 -11.98 23.66
CA TYR A 52 -5.89 -11.21 23.40
C TYR A 52 -4.92 -11.99 22.53
N VAL A 53 -4.26 -11.29 21.63
CA VAL A 53 -3.18 -11.87 20.84
C VAL A 53 -1.87 -11.45 21.49
N VAL A 54 -1.11 -12.43 21.96
CA VAL A 54 0.17 -12.14 22.60
C VAL A 54 1.24 -12.40 21.57
N VAL A 55 1.94 -11.34 21.18
CA VAL A 55 2.92 -11.40 20.12
C VAL A 55 4.33 -11.38 20.70
N LEU A 56 5.12 -12.40 20.38
CA LEU A 56 6.46 -12.53 20.95
C LEU A 56 7.49 -11.94 20.01
N LYS A 57 8.69 -11.71 20.52
CA LYS A 57 9.77 -11.15 19.72
C LYS A 57 10.11 -12.05 18.54
N GLU A 58 10.50 -11.44 17.42
CA GLU A 58 10.77 -12.13 16.15
C GLU A 58 11.48 -13.47 16.29
N GLU A 59 12.58 -13.48 17.01
CA GLU A 59 13.43 -14.68 17.09
C GLU A 59 12.72 -15.84 17.78
N THR A 60 11.71 -15.54 18.58
CA THR A 60 11.14 -16.51 19.51
C THR A 60 10.75 -17.81 18.81
N HIS A 61 11.20 -18.92 19.38
CA HIS A 61 10.95 -20.23 18.79
C HIS A 61 9.63 -20.82 19.30
N LEU A 62 9.01 -21.67 18.49
CA LEU A 62 7.74 -22.30 18.87
C LEU A 62 7.76 -22.91 20.28
N SER A 63 8.87 -23.54 20.65
CA SER A 63 8.98 -24.17 21.98
C SER A 63 8.88 -23.14 23.08
N GLN A 64 9.51 -21.98 22.85
CA GLN A 64 9.49 -20.91 23.84
C GLN A 64 8.08 -20.31 23.89
N SER A 65 7.45 -20.16 22.73
CA SER A 65 6.08 -19.67 22.71
C SER A 65 5.20 -20.52 23.60
N GLU A 66 5.36 -21.83 23.50
CA GLU A 66 4.46 -22.74 24.21
C GLU A 66 4.68 -22.68 25.72
N ARG A 67 5.93 -22.50 26.14
CA ARG A 67 6.23 -22.42 27.56
C ARG A 67 5.79 -21.09 28.15
N THR A 68 5.87 -20.03 27.35
CA THR A 68 5.36 -18.74 27.76
C THR A 68 3.85 -18.81 28.01
N ALA A 69 3.14 -19.52 27.14
CA ALA A 69 1.69 -19.65 27.30
C ALA A 69 1.35 -20.46 28.55
N ARG A 70 2.10 -21.53 28.78
CA ARG A 70 1.92 -22.36 29.97
C ARG A 70 2.24 -21.56 31.22
N ARG A 71 3.27 -20.73 31.14
CA ARG A 71 3.64 -19.89 32.27
C ARG A 71 2.56 -18.87 32.61
N LEU A 72 1.88 -18.35 31.59
CA LEU A 72 0.80 -17.40 31.82
C LEU A 72 -0.37 -18.08 32.52
N GLN A 73 -0.76 -19.24 32.02
CA GLN A 73 -1.87 -19.98 32.60
C GLN A 73 -1.59 -20.28 34.07
N ALA A 74 -0.35 -20.67 34.35
CA ALA A 74 0.05 -21.04 35.70
C ALA A 74 0.03 -19.82 36.61
N GLN A 75 0.70 -18.75 36.20
CA GLN A 75 0.67 -17.50 36.95
C GLN A 75 -0.76 -16.99 37.12
N ALA A 76 -1.55 -17.13 36.06
CA ALA A 76 -2.95 -16.73 36.11
C ALA A 76 -3.71 -17.57 37.14
N ALA A 77 -3.40 -18.86 37.18
CA ALA A 77 -4.10 -19.79 38.06
C ALA A 77 -3.78 -19.50 39.53
N ARG A 78 -2.53 -19.16 39.81
CA ARG A 78 -2.11 -18.87 41.18
C ARG A 78 -2.86 -17.64 41.70
N ARG A 79 -3.44 -16.88 40.78
CA ARG A 79 -4.09 -15.64 41.16
C ARG A 79 -5.61 -15.76 41.07
N GLY A 80 -6.09 -16.95 40.75
CA GLY A 80 -7.51 -17.22 40.80
C GLY A 80 -8.20 -17.16 39.46
N TYR A 81 -7.43 -16.95 38.40
CA TYR A 81 -8.00 -16.70 37.08
C TYR A 81 -7.95 -17.92 36.17
N LEU A 82 -9.11 -18.29 35.63
CA LEU A 82 -9.16 -19.26 34.55
C LEU A 82 -8.61 -18.60 33.29
N THR A 83 -7.89 -19.38 32.48
CA THR A 83 -7.47 -18.92 31.17
C THR A 83 -7.62 -20.06 30.17
N LYS A 84 -7.71 -19.72 28.89
CA LYS A 84 -7.77 -20.72 27.85
C LYS A 84 -6.87 -20.29 26.69
N ILE A 85 -5.92 -21.16 26.35
CA ILE A 85 -5.03 -20.92 25.22
C ILE A 85 -5.71 -21.45 23.97
N LEU A 86 -6.19 -20.54 23.12
CA LEU A 86 -7.05 -20.95 22.02
C LEU A 86 -6.24 -21.38 20.81
N HIS A 87 -4.97 -20.96 20.76
CA HIS A 87 -4.15 -21.22 19.60
C HIS A 87 -2.73 -20.72 19.80
N VAL A 88 -1.75 -21.52 19.36
CA VAL A 88 -0.37 -21.07 19.36
C VAL A 88 0.07 -20.82 17.94
N PHE A 89 0.63 -19.64 17.69
CA PHE A 89 1.07 -19.24 16.36
C PHE A 89 2.45 -19.78 16.03
N HIS A 90 2.57 -20.45 14.87
CA HIS A 90 3.87 -20.65 14.25
C HIS A 90 3.80 -20.53 12.74
N GLY A 91 4.68 -19.71 12.18
CA GLY A 91 4.79 -19.67 10.73
C GLY A 91 5.04 -18.26 10.20
N LEU A 92 4.31 -17.30 10.75
CA LEU A 92 4.48 -15.90 10.37
C LEU A 92 4.92 -15.12 11.58
N LEU A 93 4.31 -15.45 12.70
CA LEU A 93 4.35 -14.57 13.85
C LEU A 93 4.30 -15.41 15.11
N PRO A 94 5.35 -15.36 15.92
CA PRO A 94 5.41 -16.17 17.15
C PRO A 94 4.48 -15.58 18.22
N GLY A 95 3.82 -16.45 18.98
CA GLY A 95 2.90 -15.99 20.01
C GLY A 95 1.69 -16.89 20.16
N PHE A 96 0.64 -16.38 20.80
CA PHE A 96 -0.55 -17.20 20.98
C PHE A 96 -1.80 -16.37 21.23
N LEU A 97 -2.95 -17.03 21.14
CA LEU A 97 -4.24 -16.41 21.36
C LEU A 97 -4.79 -16.92 22.68
N VAL A 98 -5.07 -16.02 23.61
CA VAL A 98 -5.52 -16.44 24.93
C VAL A 98 -6.85 -15.81 25.32
N LYS A 99 -7.77 -16.64 25.79
CA LYS A 99 -9.01 -16.14 26.38
C LYS A 99 -8.79 -15.92 27.88
N MET A 100 -8.83 -14.68 28.31
CA MET A 100 -8.64 -14.34 29.72
C MET A 100 -9.23 -12.97 30.07
N SER A 101 -9.32 -12.70 31.37
CA SER A 101 -9.68 -11.38 31.84
C SER A 101 -8.57 -10.40 31.53
N GLY A 102 -8.95 -9.17 31.19
CA GLY A 102 -7.96 -8.13 30.97
C GLY A 102 -7.18 -7.76 32.21
N ASP A 103 -7.68 -8.17 33.39
CA ASP A 103 -6.96 -7.92 34.63
C ASP A 103 -5.53 -8.41 34.55
N LEU A 104 -5.29 -9.39 33.68
CA LEU A 104 -4.04 -10.15 33.67
C LEU A 104 -2.99 -9.54 32.73
N LEU A 105 -3.31 -8.40 32.13
CA LEU A 105 -2.47 -7.83 31.09
C LEU A 105 -1.13 -7.30 31.59
N GLU A 106 -1.13 -6.64 32.75
CA GLU A 106 0.13 -6.20 33.33
C GLU A 106 1.05 -7.40 33.50
N LEU A 107 0.53 -8.44 34.13
CA LEU A 107 1.28 -9.68 34.34
C LEU A 107 1.80 -10.27 33.02
N ALA A 108 0.90 -10.38 32.04
CA ALA A 108 1.24 -10.95 30.74
C ALA A 108 2.31 -10.16 30.01
N LEU A 109 2.33 -8.84 30.23
CA LEU A 109 3.30 -7.96 29.59
C LEU A 109 4.70 -8.14 30.17
N LYS A 110 4.80 -8.79 31.31
CA LYS A 110 6.10 -9.05 31.92
C LYS A 110 6.61 -10.46 31.62
N LEU A 111 5.80 -11.26 30.94
CA LEU A 111 6.25 -12.57 30.49
C LEU A 111 7.48 -12.44 29.60
N PRO A 112 8.35 -13.46 29.62
CA PRO A 112 9.54 -13.48 28.75
C PRO A 112 9.17 -13.51 27.27
N HIS A 113 9.94 -12.79 26.45
CA HIS A 113 9.83 -12.84 25.00
C HIS A 113 8.68 -12.01 24.42
N VAL A 114 7.89 -11.38 25.28
CA VAL A 114 6.73 -10.63 24.80
C VAL A 114 7.17 -9.35 24.08
N ASP A 115 6.63 -9.13 22.89
CA ASP A 115 6.87 -7.91 22.15
C ASP A 115 5.72 -6.96 22.41
N TYR A 116 4.50 -7.43 22.18
CA TYR A 116 3.32 -6.65 22.50
C TYR A 116 2.07 -7.52 22.52
N ILE A 117 0.99 -6.99 23.07
CA ILE A 117 -0.26 -7.72 23.22
C ILE A 117 -1.36 -6.86 22.61
N GLU A 118 -2.20 -7.48 21.78
CA GLU A 118 -3.30 -6.75 21.15
C GLU A 118 -4.63 -7.44 21.43
N GLU A 119 -5.60 -6.65 21.89
CA GLU A 119 -6.95 -7.17 22.14
C GLU A 119 -7.60 -7.45 20.79
N ASP A 120 -8.26 -8.58 20.67
CA ASP A 120 -8.89 -8.97 19.41
C ASP A 120 -9.96 -7.95 19.04
N SER A 121 -10.31 -7.90 17.76
CA SER A 121 -11.34 -6.98 17.28
C SER A 121 -11.94 -7.52 15.99
N SER A 122 -13.04 -6.89 15.56
CA SER A 122 -13.83 -7.38 14.44
C SER A 122 -13.29 -6.90 13.09
N VAL A 123 -13.50 -7.72 12.06
CA VAL A 123 -13.30 -7.32 10.67
C VAL A 123 -14.58 -7.62 9.91
N PHE A 124 -14.81 -6.90 8.81
CA PHE A 124 -16.09 -6.99 8.11
C PHE A 124 -15.92 -7.10 6.60
N ALA A 125 -16.76 -7.91 5.98
CA ALA A 125 -16.79 -8.02 4.53
C ALA A 125 -16.95 -6.64 3.93
N GLN A 126 -16.22 -6.35 2.86
CA GLN A 126 -16.34 -5.06 2.18
C GLN A 126 -17.00 -5.17 0.82
N SER B 1 -22.89 -6.86 -24.30
CA SER B 1 -22.94 -8.11 -23.50
C SER B 1 -21.71 -8.23 -22.59
N ILE B 2 -20.60 -7.64 -23.02
CA ILE B 2 -19.40 -7.58 -22.20
C ILE B 2 -19.67 -6.65 -21.02
N PRO B 3 -19.56 -7.17 -19.78
CA PRO B 3 -19.79 -6.33 -18.60
C PRO B 3 -18.86 -5.13 -18.56
N TRP B 4 -19.41 -3.98 -18.19
CA TRP B 4 -18.69 -2.72 -18.24
C TRP B 4 -17.31 -2.81 -17.57
N ASN B 5 -17.24 -3.53 -16.46
CA ASN B 5 -16.02 -3.60 -15.67
C ASN B 5 -14.93 -4.44 -16.34
N LEU B 6 -15.33 -5.43 -17.12
CA LEU B 6 -14.35 -6.24 -17.84
C LEU B 6 -13.84 -5.50 -19.07
N GLU B 7 -14.69 -4.66 -19.66
CA GLU B 7 -14.26 -3.80 -20.75
C GLU B 7 -13.36 -2.69 -20.23
N ARG B 8 -13.66 -2.19 -19.04
CA ARG B 8 -12.93 -1.06 -18.47
C ARG B 8 -11.48 -1.40 -18.15
N ILE B 9 -11.20 -2.65 -17.80
CA ILE B 9 -9.83 -3.04 -17.48
C ILE B 9 -9.11 -3.59 -18.69
N THR B 10 -9.75 -3.49 -19.86
CA THR B 10 -9.13 -3.92 -21.11
C THR B 10 -8.33 -2.78 -21.71
N PRO B 11 -7.03 -3.00 -21.93
CA PRO B 11 -6.19 -1.92 -22.43
C PRO B 11 -6.57 -1.55 -23.86
N PRO B 12 -6.07 -0.39 -24.33
CA PRO B 12 -6.29 0.14 -25.69
C PRO B 12 -5.87 -0.82 -26.80
N ARG B 13 -5.01 -1.77 -26.47
CA ARG B 13 -4.66 -2.81 -27.42
C ARG B 13 -4.65 -4.14 -26.69
N TYR B 14 -5.39 -5.12 -27.21
CA TYR B 14 -5.53 -6.39 -26.51
C TYR B 14 -5.84 -7.56 -27.43
N ARG B 15 -5.24 -8.71 -27.14
CA ARG B 15 -5.49 -9.91 -27.91
C ARG B 15 -6.77 -10.60 -27.45
N GLY B 24 -5.92 -17.77 -18.54
CA GLY B 24 -5.95 -17.23 -17.19
C GLY B 24 -4.55 -17.15 -16.59
N GLY B 25 -4.48 -17.17 -15.26
CA GLY B 25 -3.20 -17.17 -14.58
C GLY B 25 -2.89 -18.54 -13.99
N SER B 26 -2.70 -19.53 -14.86
CA SER B 26 -2.83 -20.93 -14.47
C SER B 26 -1.73 -21.47 -13.55
N LEU B 27 -0.54 -20.90 -13.62
CA LEU B 27 0.51 -21.35 -12.72
C LEU B 27 0.50 -20.55 -11.42
N VAL B 28 -0.48 -19.66 -11.31
CA VAL B 28 -0.73 -18.90 -10.09
C VAL B 28 -1.93 -19.47 -9.33
N GLU B 29 -1.84 -19.51 -8.00
CA GLU B 29 -3.02 -19.80 -7.19
C GLU B 29 -3.48 -18.54 -6.45
N VAL B 30 -4.79 -18.34 -6.40
CA VAL B 30 -5.34 -17.24 -5.62
C VAL B 30 -6.05 -17.79 -4.40
N TYR B 31 -5.68 -17.29 -3.23
CA TYR B 31 -6.39 -17.62 -2.01
C TYR B 31 -7.41 -16.53 -1.70
N LEU B 32 -8.56 -16.95 -1.19
CA LEU B 32 -9.62 -16.03 -0.82
C LEU B 32 -9.97 -16.25 0.66
N LEU B 33 -9.84 -15.22 1.48
CA LEU B 33 -10.34 -15.27 2.85
C LEU B 33 -11.63 -14.46 2.92
N ASP B 34 -12.76 -15.15 3.00
CA ASP B 34 -14.05 -14.50 3.00
C ASP B 34 -15.09 -15.35 3.72
N THR B 35 -16.34 -15.22 3.29
CA THR B 35 -17.41 -16.09 3.76
C THR B 35 -17.25 -17.45 3.11
N SER B 36 -18.06 -18.42 3.52
CA SER B 36 -18.14 -19.68 2.81
C SER B 36 -18.65 -19.38 1.40
N ILE B 37 -18.46 -20.33 0.49
CA ILE B 37 -18.89 -20.10 -0.88
C ILE B 37 -19.68 -21.30 -1.42
N GLN B 38 -20.51 -21.06 -2.42
CA GLN B 38 -21.16 -22.16 -3.11
C GLN B 38 -20.20 -22.65 -4.19
N SER B 39 -19.39 -23.64 -3.84
CA SER B 39 -18.28 -24.08 -4.69
C SER B 39 -18.73 -24.77 -5.97
N ASP B 40 -19.96 -25.29 -5.98
CA ASP B 40 -20.47 -25.97 -7.17
C ASP B 40 -21.18 -25.05 -8.15
N HIS B 41 -21.11 -23.75 -7.92
CA HIS B 41 -21.72 -22.80 -8.85
C HIS B 41 -21.01 -22.90 -10.19
N ARG B 42 -21.78 -22.82 -11.27
CA ARG B 42 -21.24 -23.07 -12.62
C ARG B 42 -20.13 -22.12 -13.07
N GLU B 43 -20.11 -20.91 -12.51
CA GLU B 43 -19.04 -19.95 -12.82
C GLU B 43 -17.68 -20.44 -12.33
N ILE B 44 -17.68 -21.17 -11.23
CA ILE B 44 -16.43 -21.49 -10.54
C ILE B 44 -16.23 -22.99 -10.29
N GLU B 45 -17.30 -23.77 -10.46
CA GLU B 45 -17.21 -25.21 -10.22
C GLU B 45 -15.98 -25.82 -10.87
N GLY B 46 -15.22 -26.57 -10.08
CA GLY B 46 -14.07 -27.26 -10.61
C GLY B 46 -12.78 -26.45 -10.56
N ARG B 47 -12.90 -25.16 -10.29
CA ARG B 47 -11.74 -24.29 -10.31
C ARG B 47 -11.44 -23.65 -8.95
N VAL B 48 -12.41 -23.69 -8.06
CA VAL B 48 -12.22 -23.23 -6.69
C VAL B 48 -12.25 -24.41 -5.72
N MET B 49 -11.21 -24.52 -4.90
CA MET B 49 -11.18 -25.58 -3.89
C MET B 49 -11.44 -25.03 -2.50
N VAL B 50 -12.39 -25.63 -1.79
CA VAL B 50 -12.70 -25.23 -0.42
C VAL B 50 -11.75 -25.96 0.53
N THR B 51 -10.95 -25.20 1.27
CA THR B 51 -9.96 -25.80 2.16
C THR B 51 -10.66 -26.36 3.39
N ASP B 52 -11.81 -25.79 3.71
CA ASP B 52 -12.55 -26.14 4.92
C ASP B 52 -11.88 -25.65 6.20
N PHE B 53 -10.88 -24.78 6.04
CA PHE B 53 -10.48 -23.95 7.18
C PHE B 53 -11.64 -23.03 7.55
N GLU B 54 -11.98 -23.00 8.83
CA GLU B 54 -13.00 -22.07 9.34
C GLU B 54 -12.55 -21.49 10.66
N ASN B 55 -12.65 -20.17 10.78
CA ASN B 55 -12.52 -19.51 12.07
C ASN B 55 -13.36 -18.24 12.03
N VAL B 56 -14.53 -18.30 12.65
CA VAL B 56 -15.50 -17.21 12.57
C VAL B 56 -16.22 -17.04 13.91
N PRO B 57 -16.59 -15.80 14.26
CA PRO B 57 -17.37 -15.54 15.47
C PRO B 57 -18.80 -16.03 15.32
N GLU B 58 -19.49 -16.21 16.43
CA GLU B 58 -20.89 -16.62 16.39
C GLU B 58 -21.75 -15.51 15.78
N GLU B 59 -22.83 -15.91 15.12
CA GLU B 59 -23.69 -14.99 14.40
C GLU B 59 -24.46 -14.07 15.35
N GLN B 67 -29.27 -19.49 6.29
CA GLN B 67 -29.54 -19.83 4.89
C GLN B 67 -28.23 -19.88 4.11
N ALA B 68 -27.99 -21.02 3.45
CA ALA B 68 -26.76 -21.23 2.71
C ALA B 68 -26.53 -20.13 1.68
N SER B 69 -27.58 -19.77 0.95
CA SER B 69 -27.45 -18.75 -0.11
C SER B 69 -27.04 -17.40 0.47
N LYS B 70 -27.67 -16.99 1.56
CA LYS B 70 -27.31 -15.72 2.19
C LYS B 70 -25.88 -15.75 2.71
N CYS B 71 -25.52 -16.84 3.38
CA CYS B 71 -24.17 -16.98 3.95
C CYS B 71 -23.09 -16.96 2.88
N ASP B 72 -23.39 -17.57 1.73
CA ASP B 72 -22.40 -17.80 0.68
C ASP B 72 -22.30 -16.62 -0.29
N SER B 73 -23.18 -15.63 -0.11
CA SER B 73 -23.37 -14.58 -1.08
C SER B 73 -22.09 -13.81 -1.43
N HIS B 74 -21.39 -13.32 -0.41
CA HIS B 74 -20.27 -12.40 -0.62
C HIS B 74 -19.10 -13.14 -1.25
N GLY B 75 -18.74 -14.26 -0.66
CA GLY B 75 -17.57 -15.00 -1.14
C GLY B 75 -17.77 -15.63 -2.49
N THR B 76 -18.99 -16.11 -2.75
CA THR B 76 -19.30 -16.72 -4.04
C THR B 76 -19.16 -15.69 -5.16
N HIS B 77 -19.65 -14.49 -4.92
CA HIS B 77 -19.58 -13.42 -5.91
C HIS B 77 -18.12 -13.07 -6.19
N LEU B 78 -17.32 -13.00 -5.14
CA LEU B 78 -15.93 -12.58 -5.30
C LEU B 78 -15.13 -13.63 -6.04
N ALA B 79 -15.39 -14.89 -5.74
CA ALA B 79 -14.71 -15.97 -6.44
C ALA B 79 -15.03 -15.88 -7.93
N GLY B 80 -16.29 -15.51 -8.23
CA GLY B 80 -16.68 -15.33 -9.61
C GLY B 80 -15.97 -14.16 -10.28
N VAL B 81 -15.83 -13.05 -9.58
CA VAL B 81 -15.15 -11.89 -10.14
C VAL B 81 -13.70 -12.21 -10.51
N VAL B 82 -13.01 -12.94 -9.64
CA VAL B 82 -11.61 -13.24 -9.90
C VAL B 82 -11.46 -14.21 -11.07
N SER B 83 -12.22 -15.30 -11.04
CA SER B 83 -11.94 -16.43 -11.92
C SER B 83 -13.17 -17.00 -12.62
N GLY B 84 -14.30 -16.32 -12.49
CA GLY B 84 -15.54 -16.85 -13.04
C GLY B 84 -15.48 -17.16 -14.52
N ARG B 85 -16.12 -18.26 -14.90
CA ARG B 85 -16.07 -18.78 -16.26
C ARG B 85 -16.54 -17.74 -17.29
N ASP B 86 -17.63 -17.05 -17.01
CA ASP B 86 -18.17 -16.08 -17.95
C ASP B 86 -17.87 -14.62 -17.60
N ALA B 87 -17.85 -14.31 -16.31
CA ALA B 87 -17.77 -12.92 -15.87
C ALA B 87 -16.52 -12.65 -15.04
N GLY B 88 -15.57 -13.57 -15.07
CA GLY B 88 -14.34 -13.40 -14.30
C GLY B 88 -13.26 -12.62 -15.02
N VAL B 89 -12.30 -12.12 -14.25
CA VAL B 89 -11.15 -11.39 -14.80
C VAL B 89 -10.10 -12.36 -15.29
N ALA B 90 -9.72 -13.31 -14.45
CA ALA B 90 -8.78 -14.34 -14.83
C ALA B 90 -9.51 -15.68 -14.99
N LYS B 91 -10.33 -15.77 -16.03
CA LYS B 91 -11.17 -16.95 -16.27
C LYS B 91 -10.35 -18.23 -16.15
N GLY B 92 -10.86 -19.18 -15.38
CA GLY B 92 -10.10 -20.39 -15.14
C GLY B 92 -8.70 -20.13 -14.60
N ALA B 93 -8.62 -19.37 -13.51
CA ALA B 93 -7.44 -19.40 -12.66
C ALA B 93 -7.82 -20.21 -11.42
N SER B 94 -6.83 -20.82 -10.76
CA SER B 94 -7.13 -21.64 -9.59
C SER B 94 -7.31 -20.82 -8.34
N MET B 95 -8.29 -21.19 -7.54
CA MET B 95 -8.54 -20.53 -6.27
C MET B 95 -8.66 -21.53 -5.13
N ARG B 96 -8.21 -21.12 -3.96
CA ARG B 96 -8.54 -21.83 -2.73
C ARG B 96 -9.21 -20.84 -1.77
N SER B 97 -10.26 -21.28 -1.09
CA SER B 97 -10.99 -20.40 -0.21
C SER B 97 -10.91 -20.82 1.25
N LEU B 98 -10.71 -19.84 2.12
CA LEU B 98 -10.79 -20.04 3.57
C LEU B 98 -11.96 -19.25 4.12
N ARG B 99 -12.60 -19.80 5.13
CA ARG B 99 -13.72 -19.10 5.74
C ARG B 99 -13.29 -18.38 7.02
N VAL B 100 -13.27 -17.04 6.97
CA VAL B 100 -12.98 -16.23 8.14
C VAL B 100 -14.09 -15.21 8.44
N LEU B 101 -15.11 -15.18 7.59
CA LEU B 101 -16.29 -14.35 7.86
C LEU B 101 -17.53 -15.23 8.03
N ASN B 102 -18.36 -14.91 9.00
CA ASN B 102 -19.57 -15.69 9.24
C ASN B 102 -20.71 -15.24 8.33
N CYS B 103 -21.92 -15.72 8.62
CA CYS B 103 -23.07 -15.52 7.72
C CYS B 103 -23.52 -14.07 7.63
N GLN B 104 -23.20 -13.28 8.65
CA GLN B 104 -23.48 -11.86 8.62
C GLN B 104 -22.28 -11.08 8.10
N GLY B 105 -21.28 -11.81 7.59
CA GLY B 105 -20.11 -11.18 6.99
C GLY B 105 -19.09 -10.65 7.99
N LYS B 106 -19.14 -11.15 9.22
CA LYS B 106 -18.27 -10.66 10.27
C LYS B 106 -17.18 -11.66 10.66
N GLY B 107 -15.98 -11.16 10.93
CA GLY B 107 -14.88 -12.00 11.37
C GLY B 107 -14.09 -11.33 12.48
N THR B 108 -12.97 -11.94 12.86
CA THR B 108 -12.08 -11.34 13.85
C THR B 108 -10.68 -11.24 13.29
N VAL B 109 -9.88 -10.34 13.87
CA VAL B 109 -8.47 -10.24 13.55
C VAL B 109 -7.75 -11.55 13.81
N SER B 110 -8.01 -12.17 14.97
CA SER B 110 -7.32 -13.41 15.30
C SER B 110 -7.67 -14.48 14.29
N GLY B 111 -8.95 -14.58 13.94
CA GLY B 111 -9.37 -15.51 12.92
C GLY B 111 -8.61 -15.31 11.61
N THR B 112 -8.48 -14.04 11.20
CA THR B 112 -7.78 -13.73 9.96
C THR B 112 -6.30 -14.06 10.09
N LEU B 113 -5.76 -13.83 11.29
CA LEU B 113 -4.36 -14.18 11.55
C LEU B 113 -4.14 -15.66 11.36
N ILE B 114 -5.06 -16.47 11.89
CA ILE B 114 -4.91 -17.91 11.81
C ILE B 114 -5.05 -18.37 10.35
N GLY B 115 -5.96 -17.75 9.61
CA GLY B 115 -6.08 -18.07 8.20
C GLY B 115 -4.82 -17.78 7.40
N LEU B 116 -4.21 -16.62 7.66
CA LEU B 116 -2.97 -16.28 6.96
C LEU B 116 -1.90 -17.30 7.31
N GLU B 117 -1.84 -17.69 8.58
CA GLU B 117 -0.88 -18.70 9.03
C GLU B 117 -1.10 -20.03 8.30
N PHE B 118 -2.37 -20.33 8.02
CA PHE B 118 -2.76 -21.58 7.37
C PHE B 118 -2.22 -21.62 5.93
N ILE B 119 -2.33 -20.49 5.24
CA ILE B 119 -1.82 -20.37 3.88
C ILE B 119 -0.32 -20.58 3.87
N ARG B 120 0.39 -20.00 4.83
CA ARG B 120 1.84 -20.10 4.85
C ARG B 120 2.30 -21.52 5.13
N LYS B 121 1.61 -22.21 6.04
CA LYS B 121 1.93 -23.60 6.35
C LYS B 121 1.71 -24.51 5.15
N SER B 122 0.60 -24.29 4.44
CA SER B 122 0.29 -25.08 3.26
C SER B 122 1.39 -24.94 2.21
N GLN B 123 1.85 -23.71 2.02
CA GLN B 123 2.90 -23.44 1.05
C GLN B 123 4.20 -24.16 1.42
N LEU B 124 4.53 -24.18 2.70
CA LEU B 124 5.75 -24.83 3.17
C LEU B 124 5.64 -26.34 2.97
N VAL B 125 4.47 -26.89 3.27
CA VAL B 125 4.23 -28.31 3.15
C VAL B 125 4.23 -28.76 1.68
N GLN B 126 3.63 -27.95 0.81
CA GLN B 126 3.55 -28.29 -0.62
C GLN B 126 3.71 -27.08 -1.53
N PRO B 127 4.97 -26.70 -1.81
CA PRO B 127 5.26 -25.49 -2.57
C PRO B 127 4.65 -25.53 -3.97
N VAL B 128 4.15 -24.40 -4.42
CA VAL B 128 3.70 -24.25 -5.80
C VAL B 128 4.34 -23.01 -6.42
N GLY B 129 3.59 -22.30 -7.26
CA GLY B 129 4.13 -21.10 -7.88
C GLY B 129 3.81 -19.83 -7.09
N PRO B 130 3.70 -18.70 -7.79
CA PRO B 130 3.25 -17.44 -7.18
C PRO B 130 1.89 -17.60 -6.51
N LEU B 131 1.72 -17.00 -5.34
CA LEU B 131 0.44 -17.00 -4.64
C LEU B 131 -0.08 -15.58 -4.49
N VAL B 132 -1.32 -15.36 -4.90
CA VAL B 132 -2.01 -14.11 -4.60
C VAL B 132 -3.05 -14.33 -3.50
N VAL B 133 -2.96 -13.56 -2.42
CA VAL B 133 -3.95 -13.65 -1.36
C VAL B 133 -4.89 -12.46 -1.41
N LEU B 134 -6.17 -12.76 -1.57
CA LEU B 134 -7.21 -11.73 -1.58
C LEU B 134 -7.86 -11.59 -0.21
N LEU B 135 -7.85 -10.38 0.31
CA LEU B 135 -8.45 -10.08 1.62
C LEU B 135 -9.54 -9.03 1.45
N PRO B 136 -10.77 -9.48 1.15
CA PRO B 136 -11.87 -8.57 0.86
C PRO B 136 -12.57 -8.11 2.13
N LEU B 137 -11.78 -7.68 3.11
CA LEU B 137 -12.32 -7.39 4.44
C LEU B 137 -11.53 -6.26 5.09
N ALA B 138 -12.08 -5.69 6.15
CA ALA B 138 -11.41 -4.59 6.83
C ALA B 138 -11.87 -4.49 8.27
N GLY B 139 -10.94 -4.08 9.14
CA GLY B 139 -11.31 -3.64 10.47
C GLY B 139 -10.51 -2.39 10.78
N GLY B 140 -10.51 -1.95 12.03
CA GLY B 140 -9.71 -0.80 12.38
C GLY B 140 -8.22 -1.11 12.31
N TYR B 141 -7.40 -0.07 12.30
CA TYR B 141 -5.95 -0.25 12.25
C TYR B 141 -5.54 -1.30 13.27
N SER B 142 -4.77 -2.29 12.82
CA SER B 142 -4.33 -3.34 13.72
C SER B 142 -2.84 -3.62 13.54
N ARG B 143 -2.09 -3.41 14.61
CA ARG B 143 -0.65 -3.60 14.57
C ARG B 143 -0.31 -5.05 14.21
N VAL B 144 -0.99 -6.01 14.84
CA VAL B 144 -0.67 -7.41 14.63
C VAL B 144 -1.08 -7.88 13.23
N LEU B 145 -2.25 -7.46 12.76
CA LEU B 145 -2.66 -7.84 11.42
C LEU B 145 -1.70 -7.25 10.38
N ASN B 146 -1.25 -6.03 10.59
CA ASN B 146 -0.35 -5.42 9.63
C ASN B 146 0.99 -6.14 9.62
N ALA B 147 1.47 -6.51 10.81
CA ALA B 147 2.74 -7.20 10.91
C ALA B 147 2.67 -8.57 10.23
N ALA B 148 1.55 -9.25 10.41
CA ALA B 148 1.36 -10.56 9.81
C ALA B 148 1.33 -10.49 8.27
N CYS B 149 0.71 -9.43 7.75
CA CYS B 149 0.68 -9.23 6.30
C CYS B 149 2.07 -8.87 5.79
N GLN B 150 2.76 -8.04 6.54
CA GLN B 150 4.11 -7.65 6.17
C GLN B 150 4.99 -8.89 6.11
N ARG B 151 4.89 -9.71 7.16
CA ARG B 151 5.68 -10.92 7.23
C ARG B 151 5.37 -11.85 6.07
N LEU B 152 4.09 -12.06 5.79
CA LEU B 152 3.71 -12.97 4.73
C LEU B 152 4.15 -12.44 3.37
N ALA B 153 4.16 -11.12 3.23
CA ALA B 153 4.64 -10.51 2.00
C ALA B 153 6.15 -10.68 1.84
N ARG B 154 6.89 -10.48 2.93
CA ARG B 154 8.34 -10.63 2.90
C ARG B 154 8.75 -12.09 2.66
N ALA B 155 7.83 -13.01 2.92
CA ALA B 155 8.04 -14.40 2.57
C ALA B 155 7.71 -14.63 1.10
N GLY B 156 7.40 -13.55 0.38
CA GLY B 156 7.23 -13.64 -1.06
C GLY B 156 5.82 -13.92 -1.55
N VAL B 157 4.81 -13.65 -0.74
CA VAL B 157 3.42 -13.74 -1.17
C VAL B 157 2.81 -12.37 -1.51
N VAL B 158 1.92 -12.33 -2.50
CA VAL B 158 1.26 -11.08 -2.85
C VAL B 158 -0.13 -10.96 -2.22
N LEU B 159 -0.33 -9.90 -1.45
CA LEU B 159 -1.61 -9.67 -0.80
C LEU B 159 -2.34 -8.52 -1.46
N VAL B 160 -3.60 -8.77 -1.84
CA VAL B 160 -4.46 -7.71 -2.35
C VAL B 160 -5.61 -7.52 -1.37
N THR B 161 -5.87 -6.28 -0.98
CA THR B 161 -6.91 -6.03 0.01
C THR B 161 -7.83 -4.88 -0.36
N ALA B 162 -9.02 -4.89 0.22
CA ALA B 162 -9.99 -3.83 0.02
C ALA B 162 -9.57 -2.57 0.78
N ALA B 163 -9.75 -1.40 0.16
CA ALA B 163 -9.47 -0.15 0.83
C ALA B 163 -10.42 0.07 2.01
N GLY B 164 -11.62 -0.51 1.91
CA GLY B 164 -12.64 -0.29 2.92
C GLY B 164 -13.74 0.61 2.40
N ASN B 165 -14.94 0.50 2.97
CA ASN B 165 -16.11 1.19 2.43
C ASN B 165 -16.60 2.34 3.32
N PHE B 166 -15.70 2.99 4.05
CA PHE B 166 -16.13 3.93 5.08
C PHE B 166 -15.98 5.39 4.68
N ARG B 167 -15.76 5.63 3.39
CA ARG B 167 -15.47 6.96 2.86
C ARG B 167 -14.51 7.72 3.76
N ASP B 168 -13.37 7.10 4.03
CA ASP B 168 -12.47 7.57 5.06
C ASP B 168 -11.06 7.28 4.57
N ASP B 169 -10.08 7.70 5.36
CA ASP B 169 -8.66 7.47 5.07
C ASP B 169 -8.32 6.01 5.39
N ALA B 170 -7.91 5.25 4.37
CA ALA B 170 -7.69 3.82 4.51
C ALA B 170 -6.52 3.50 5.47
N CYS B 171 -5.69 4.50 5.74
CA CYS B 171 -4.60 4.28 6.69
C CYS B 171 -5.12 3.99 8.10
N LEU B 172 -6.40 4.24 8.35
CA LEU B 172 -6.96 4.01 9.67
C LEU B 172 -7.58 2.62 9.80
N TYR B 173 -7.45 1.82 8.74
CA TYR B 173 -8.01 0.48 8.74
C TYR B 173 -6.95 -0.56 8.37
N SER B 174 -7.22 -1.81 8.72
CA SER B 174 -6.33 -2.91 8.37
C SER B 174 -7.17 -4.04 7.78
N PRO B 175 -6.59 -4.84 6.87
CA PRO B 175 -5.20 -4.75 6.42
C PRO B 175 -4.91 -3.63 5.42
N ALA B 176 -5.93 -2.86 5.08
CA ALA B 176 -5.78 -1.78 4.09
C ALA B 176 -4.51 -0.95 4.30
N SER B 177 -4.18 -0.65 5.55
CA SER B 177 -3.09 0.29 5.83
C SER B 177 -1.72 -0.36 5.82
N ALA B 178 -1.66 -1.68 5.70
CA ALA B 178 -0.39 -2.39 5.66
C ALA B 178 0.38 -2.03 4.38
N PRO B 179 1.59 -1.48 4.53
CA PRO B 179 2.31 -0.91 3.37
C PRO B 179 2.68 -1.92 2.28
N GLU B 180 2.95 -3.17 2.65
CA GLU B 180 3.40 -4.15 1.66
C GLU B 180 2.27 -4.99 1.10
N VAL B 181 1.04 -4.55 1.30
CA VAL B 181 -0.09 -5.14 0.59
C VAL B 181 -0.57 -4.16 -0.45
N ILE B 182 -1.32 -4.65 -1.43
CA ILE B 182 -1.88 -3.78 -2.44
C ILE B 182 -3.32 -3.46 -2.07
N THR B 183 -3.59 -2.18 -1.84
CA THR B 183 -4.90 -1.76 -1.32
C THR B 183 -5.70 -1.06 -2.41
N VAL B 184 -6.94 -1.50 -2.61
CA VAL B 184 -7.70 -1.13 -3.79
C VAL B 184 -9.00 -0.40 -3.43
N GLY B 185 -9.17 0.81 -3.98
CA GLY B 185 -10.42 1.52 -3.82
C GLY B 185 -11.36 1.23 -4.98
N ALA B 186 -12.61 1.67 -4.87
CA ALA B 186 -13.62 1.32 -5.88
C ALA B 186 -14.07 2.53 -6.69
N THR B 187 -14.09 2.38 -8.01
CA THR B 187 -14.63 3.41 -8.90
C THR B 187 -15.80 2.83 -9.68
N ASN B 188 -16.62 3.71 -10.25
CA ASN B 188 -17.80 3.26 -11.00
C ASN B 188 -17.68 3.42 -12.51
N ALA B 189 -18.75 3.13 -13.23
CA ALA B 189 -18.74 3.14 -14.69
C ALA B 189 -18.44 4.53 -15.24
N GLN B 190 -18.61 5.55 -14.41
CA GLN B 190 -18.20 6.89 -14.77
C GLN B 190 -16.77 7.22 -14.30
N ASP B 191 -16.04 6.19 -13.88
CA ASP B 191 -14.66 6.34 -13.40
C ASP B 191 -14.57 7.21 -12.15
N GLN B 192 -15.68 7.34 -11.44
CA GLN B 192 -15.69 8.11 -10.20
C GLN B 192 -15.76 7.21 -8.98
N PRO B 193 -15.32 7.73 -7.82
CA PRO B 193 -15.31 6.95 -6.58
C PRO B 193 -16.71 6.48 -6.20
N VAL B 194 -16.82 5.23 -5.78
CA VAL B 194 -18.13 4.63 -5.53
C VAL B 194 -18.73 5.10 -4.21
N THR B 195 -19.98 5.55 -4.28
CA THR B 195 -20.75 5.90 -3.09
C THR B 195 -21.50 4.65 -2.61
N LEU B 196 -21.57 4.47 -1.30
CA LEU B 196 -22.27 3.31 -0.74
C LEU B 196 -23.10 3.81 0.43
N GLY B 197 -24.40 3.97 0.18
CA GLY B 197 -25.26 4.62 1.13
C GLY B 197 -24.76 6.02 1.42
N THR B 198 -24.52 6.29 2.68
CA THR B 198 -23.95 7.57 3.11
C THR B 198 -22.43 7.56 3.06
N LEU B 199 -21.84 6.38 2.83
CA LEU B 199 -20.40 6.26 2.80
C LEU B 199 -19.92 5.92 1.41
N GLY B 200 -18.88 5.10 1.29
CA GLY B 200 -18.32 4.86 -0.02
C GLY B 200 -16.87 4.43 0.05
N THR B 201 -16.20 4.42 -1.09
CA THR B 201 -14.83 3.93 -1.10
C THR B 201 -13.93 4.78 -0.21
N ASN B 202 -13.01 4.12 0.49
CA ASN B 202 -11.93 4.79 1.19
C ASN B 202 -10.93 5.37 0.20
N PHE B 203 -10.00 6.16 0.71
CA PHE B 203 -9.06 6.90 -0.13
C PHE B 203 -7.76 7.15 0.65
N GLY B 204 -6.90 8.00 0.11
CA GLY B 204 -5.67 8.35 0.83
C GLY B 204 -4.43 7.63 0.35
N ARG B 205 -3.30 7.90 1.02
CA ARG B 205 -2.00 7.45 0.52
C ARG B 205 -1.74 5.97 0.78
N CYS B 206 -2.60 5.33 1.57
CA CYS B 206 -2.47 3.89 1.79
C CYS B 206 -3.20 3.11 0.69
N VAL B 207 -3.94 3.81 -0.17
CA VAL B 207 -4.60 3.17 -1.30
C VAL B 207 -3.68 3.23 -2.52
N ASP B 208 -3.47 2.11 -3.18
CA ASP B 208 -2.51 2.06 -4.28
C ASP B 208 -3.12 2.42 -5.63
N LEU B 209 -4.35 1.99 -5.86
CA LEU B 209 -5.08 2.30 -7.08
C LEU B 209 -6.55 1.95 -6.89
N PHE B 210 -7.36 2.30 -7.86
CA PHE B 210 -8.77 1.98 -7.83
C PHE B 210 -9.08 0.97 -8.91
N ALA B 211 -10.24 0.34 -8.81
CA ALA B 211 -10.70 -0.54 -9.86
C ALA B 211 -12.23 -0.59 -9.81
N PRO B 212 -12.87 -1.12 -10.85
CA PRO B 212 -14.33 -1.18 -10.91
C PRO B 212 -14.94 -1.86 -9.69
N GLY B 213 -15.80 -1.12 -8.99
CA GLY B 213 -16.39 -1.63 -7.77
C GLY B 213 -17.84 -1.26 -7.57
N GLU B 214 -18.54 -0.94 -8.66
CA GLU B 214 -19.98 -0.72 -8.60
C GLU B 214 -20.68 -1.52 -9.70
N ASP B 215 -21.84 -2.09 -9.40
CA ASP B 215 -22.63 -2.77 -10.42
C ASP B 215 -21.75 -3.79 -11.14
N ILE B 216 -21.17 -4.67 -10.35
CA ILE B 216 -20.27 -5.69 -10.86
C ILE B 216 -21.04 -7.00 -10.87
N ILE B 217 -21.22 -7.57 -12.04
CA ILE B 217 -22.03 -8.78 -12.16
C ILE B 217 -21.13 -10.00 -11.90
N GLY B 218 -21.69 -11.01 -11.24
CA GLY B 218 -20.92 -12.19 -10.90
C GLY B 218 -21.79 -13.26 -10.28
N ALA B 219 -21.20 -14.41 -9.97
CA ALA B 219 -21.95 -15.55 -9.48
C ALA B 219 -22.81 -15.22 -8.27
N SER B 220 -24.07 -15.60 -8.33
CA SER B 220 -24.98 -15.45 -7.21
C SER B 220 -25.28 -16.80 -6.57
N SER B 221 -25.14 -16.87 -5.25
CA SER B 221 -25.31 -18.14 -4.55
C SER B 221 -26.78 -18.52 -4.41
N ASP B 222 -27.66 -17.75 -5.03
CA ASP B 222 -29.08 -18.09 -5.03
C ASP B 222 -29.36 -19.38 -5.79
N CYS B 223 -28.62 -19.63 -6.86
CA CYS B 223 -28.76 -20.86 -7.61
C CYS B 223 -27.54 -21.06 -8.50
N SER B 224 -27.26 -22.31 -8.85
CA SER B 224 -26.00 -22.68 -9.47
C SER B 224 -25.69 -21.97 -10.78
N THR B 225 -26.69 -21.34 -11.37
CA THR B 225 -26.53 -20.64 -12.65
C THR B 225 -26.89 -19.17 -12.54
N CYS B 226 -27.29 -18.75 -11.35
CA CYS B 226 -27.79 -17.39 -11.15
C CYS B 226 -26.67 -16.34 -11.08
N PHE B 227 -27.02 -15.08 -11.33
CA PHE B 227 -26.06 -13.98 -11.29
C PHE B 227 -26.66 -12.79 -10.56
N VAL B 228 -25.79 -12.05 -9.87
CA VAL B 228 -26.24 -10.87 -9.13
C VAL B 228 -25.21 -9.75 -9.29
N SER B 229 -25.66 -8.52 -9.11
CA SER B 229 -24.76 -7.38 -9.21
C SER B 229 -24.46 -6.85 -7.82
N GLN B 230 -23.17 -6.67 -7.50
CA GLN B 230 -22.75 -6.19 -6.19
C GLN B 230 -21.75 -5.03 -6.29
N SER B 231 -21.62 -4.28 -5.20
CA SER B 231 -20.74 -3.11 -5.17
C SER B 231 -19.84 -3.14 -3.94
N GLY B 232 -18.64 -2.59 -4.07
CA GLY B 232 -17.77 -2.46 -2.91
C GLY B 232 -16.31 -2.50 -3.26
N THR B 233 -15.46 -2.13 -2.30
CA THR B 233 -14.02 -2.23 -2.50
C THR B 233 -13.54 -3.68 -2.47
N SER B 234 -14.37 -4.60 -1.98
CA SER B 234 -14.05 -6.03 -2.13
C SER B 234 -14.07 -6.39 -3.60
N GLN B 235 -15.09 -5.92 -4.31
CA GLN B 235 -15.23 -6.26 -5.72
C GLN B 235 -14.05 -5.69 -6.47
N ALA B 236 -13.69 -4.46 -6.14
CA ALA B 236 -12.56 -3.79 -6.76
C ALA B 236 -11.26 -4.56 -6.50
N ALA B 237 -11.08 -5.03 -5.27
CA ALA B 237 -9.84 -5.73 -4.91
C ALA B 237 -9.79 -7.04 -5.68
N ALA B 238 -10.96 -7.65 -5.89
CA ALA B 238 -11.05 -8.89 -6.66
C ALA B 238 -10.57 -8.68 -8.09
N HIS B 239 -10.82 -7.50 -8.66
CA HIS B 239 -10.38 -7.23 -10.02
C HIS B 239 -8.85 -7.21 -10.09
N VAL B 240 -8.23 -6.57 -9.11
CA VAL B 240 -6.78 -6.44 -9.09
C VAL B 240 -6.11 -7.76 -8.76
N ALA B 241 -6.74 -8.55 -7.90
CA ALA B 241 -6.26 -9.89 -7.60
C ALA B 241 -6.20 -10.70 -8.89
N GLY B 242 -7.24 -10.59 -9.71
CA GLY B 242 -7.25 -11.33 -10.96
C GLY B 242 -6.29 -10.74 -11.98
N ILE B 243 -6.12 -9.44 -11.97
CA ILE B 243 -5.16 -8.81 -12.88
C ILE B 243 -3.75 -9.24 -12.50
N ALA B 244 -3.48 -9.25 -11.20
CA ALA B 244 -2.18 -9.66 -10.68
C ALA B 244 -1.88 -11.13 -11.01
N ALA B 245 -2.90 -11.97 -10.91
CA ALA B 245 -2.78 -13.36 -11.31
C ALA B 245 -2.32 -13.47 -12.75
N MET B 246 -2.88 -12.63 -13.62
CA MET B 246 -2.52 -12.64 -15.03
C MET B 246 -1.10 -12.12 -15.22
N MET B 247 -0.75 -11.06 -14.51
CA MET B 247 0.58 -10.51 -14.65
C MET B 247 1.62 -11.54 -14.19
N LEU B 248 1.34 -12.21 -13.08
CA LEU B 248 2.28 -13.18 -12.53
C LEU B 248 2.39 -14.43 -13.40
N SER B 249 1.29 -14.80 -14.06
CA SER B 249 1.33 -15.94 -14.97
C SER B 249 2.27 -15.68 -16.15
N ALA B 250 2.28 -14.43 -16.62
CA ALA B 250 3.11 -14.03 -17.76
C ALA B 250 4.56 -13.77 -17.35
N GLU B 251 4.74 -13.21 -16.15
CA GLU B 251 6.07 -12.90 -15.64
C GLU B 251 6.19 -13.43 -14.22
N PRO B 252 6.38 -14.75 -14.09
CA PRO B 252 6.38 -15.45 -12.80
C PRO B 252 7.40 -14.92 -11.80
N GLU B 253 8.47 -14.30 -12.31
CA GLU B 253 9.58 -13.87 -11.45
C GLU B 253 9.41 -12.49 -10.83
N LEU B 254 8.33 -11.79 -11.15
CA LEU B 254 8.12 -10.46 -10.60
C LEU B 254 8.21 -10.42 -9.09
N THR B 255 8.94 -9.45 -8.57
CA THR B 255 8.92 -9.15 -7.14
C THR B 255 7.72 -8.24 -6.85
N LEU B 256 7.35 -8.14 -5.58
CA LEU B 256 6.26 -7.27 -5.19
C LEU B 256 6.42 -5.87 -5.78
N ALA B 257 7.63 -5.31 -5.69
CA ALA B 257 7.86 -3.95 -6.18
C ALA B 257 7.65 -3.86 -7.70
N GLU B 258 8.10 -4.88 -8.41
CA GLU B 258 7.98 -4.90 -9.87
C GLU B 258 6.51 -5.04 -10.29
N LEU B 259 5.74 -5.81 -9.52
CA LEU B 259 4.31 -5.99 -9.80
C LEU B 259 3.53 -4.71 -9.53
N ARG B 260 3.88 -4.01 -8.45
CA ARG B 260 3.18 -2.78 -8.08
C ARG B 260 3.44 -1.68 -9.09
N GLN B 261 4.67 -1.63 -9.60
CA GLN B 261 5.02 -0.62 -10.60
C GLN B 261 4.30 -0.87 -11.92
N ARG B 262 4.03 -2.13 -12.25
CA ARG B 262 3.32 -2.46 -13.48
C ARG B 262 1.84 -2.14 -13.35
N LEU B 263 1.24 -2.52 -12.22
CA LEU B 263 -0.14 -2.14 -11.92
C LEU B 263 -0.33 -0.63 -12.07
N ILE B 264 0.59 0.14 -11.51
CA ILE B 264 0.55 1.60 -11.63
C ILE B 264 0.70 2.06 -13.08
N HIS B 265 1.71 1.52 -13.75
CA HIS B 265 2.04 1.94 -15.11
C HIS B 265 0.91 1.65 -16.12
N PHE B 266 0.31 0.48 -16.02
CA PHE B 266 -0.75 0.09 -16.95
C PHE B 266 -2.15 0.57 -16.56
N SER B 267 -2.25 1.27 -15.44
CA SER B 267 -3.51 1.88 -15.02
C SER B 267 -3.87 3.07 -15.89
N ALA B 268 -5.17 3.36 -15.99
CA ALA B 268 -5.62 4.60 -16.63
C ALA B 268 -5.42 5.75 -15.66
N LYS B 269 -4.91 6.87 -16.16
CA LYS B 269 -4.44 7.95 -15.28
C LYS B 269 -5.40 9.12 -15.32
N ASP B 270 -5.67 9.69 -14.15
CA ASP B 270 -6.32 11.00 -14.04
C ASP B 270 -7.76 11.03 -14.55
N VAL B 271 -8.44 9.89 -14.55
CA VAL B 271 -9.84 9.87 -14.95
C VAL B 271 -10.79 10.09 -13.77
N ILE B 272 -10.28 9.96 -12.55
CA ILE B 272 -11.12 10.18 -11.37
C ILE B 272 -11.17 11.67 -11.07
N ASN B 273 -12.37 12.17 -10.73
CA ASN B 273 -12.50 13.57 -10.36
C ASN B 273 -12.22 13.76 -8.89
N GLU B 274 -11.06 14.31 -8.58
CA GLU B 274 -10.53 14.36 -7.23
C GLU B 274 -11.39 15.16 -6.25
N ALA B 275 -12.31 15.96 -6.79
CA ALA B 275 -13.17 16.83 -5.97
C ALA B 275 -14.03 16.00 -5.02
N TRP B 276 -14.25 14.74 -5.38
CA TRP B 276 -15.04 13.84 -4.55
C TRP B 276 -14.34 13.60 -3.21
N PHE B 277 -13.02 13.55 -3.21
CA PHE B 277 -12.25 13.36 -2.00
C PHE B 277 -12.20 14.65 -1.20
N PRO B 278 -12.11 14.54 0.14
CA PRO B 278 -11.84 15.73 0.94
C PRO B 278 -10.52 16.38 0.54
N GLU B 279 -10.41 17.69 0.81
CA GLU B 279 -9.33 18.50 0.27
C GLU B 279 -7.92 17.97 0.54
N ASP B 280 -7.62 17.68 1.81
CA ASP B 280 -6.27 17.25 2.16
C ASP B 280 -5.87 15.91 1.55
N GLN B 281 -6.85 15.10 1.16
CA GLN B 281 -6.55 13.74 0.71
C GLN B 281 -6.36 13.67 -0.81
N ARG B 282 -6.53 14.78 -1.50
CA ARG B 282 -6.48 14.76 -2.95
C ARG B 282 -5.07 14.56 -3.47
N VAL B 283 -4.09 15.15 -2.79
CA VAL B 283 -2.72 14.92 -3.21
C VAL B 283 -2.25 13.54 -2.82
N LEU B 284 -2.82 12.98 -1.76
CA LEU B 284 -2.33 11.72 -1.24
C LEU B 284 -2.92 10.53 -1.99
N THR B 285 -3.97 10.75 -2.75
CA THR B 285 -4.70 9.66 -3.37
C THR B 285 -4.31 9.43 -4.83
N PRO B 286 -3.81 8.23 -5.16
CA PRO B 286 -3.44 7.95 -6.55
C PRO B 286 -4.66 8.05 -7.45
N ASN B 287 -4.53 8.82 -8.52
CA ASN B 287 -5.61 8.90 -9.51
C ASN B 287 -5.33 7.85 -10.58
N LEU B 288 -5.69 6.61 -10.26
CA LEU B 288 -5.34 5.45 -11.08
C LEU B 288 -6.53 4.49 -11.10
N VAL B 289 -6.91 4.04 -12.29
CA VAL B 289 -7.89 2.98 -12.37
C VAL B 289 -7.24 1.81 -13.09
N ALA B 290 -7.28 0.66 -12.44
CA ALA B 290 -6.52 -0.51 -12.86
C ALA B 290 -6.90 -1.02 -14.24
N ALA B 291 -5.94 -1.68 -14.89
CA ALA B 291 -6.15 -2.25 -16.21
C ALA B 291 -5.10 -3.32 -16.50
N LEU B 292 -5.49 -4.32 -17.28
CA LEU B 292 -4.55 -5.33 -17.76
C LEU B 292 -3.49 -4.70 -18.67
N PRO B 293 -2.29 -5.29 -18.71
CA PRO B 293 -1.26 -4.81 -19.64
C PRO B 293 -1.63 -5.13 -21.08
N PRO B 294 -1.24 -4.27 -22.03
CA PRO B 294 -1.47 -4.55 -23.44
C PRO B 294 -0.78 -5.82 -23.92
N SER B 295 0.26 -6.23 -23.20
CA SER B 295 0.92 -7.51 -23.46
C SER B 295 1.37 -7.63 -24.91
N GLY B 300 11.34 -4.25 -25.09
CA GLY B 300 12.54 -3.63 -24.56
C GLY B 300 12.40 -3.20 -23.11
N TRP B 301 13.53 -2.94 -22.47
CA TRP B 301 13.53 -2.48 -21.09
C TRP B 301 13.17 -0.99 -21.04
N GLN B 302 12.38 -0.62 -20.04
CA GLN B 302 12.01 0.78 -19.86
C GLN B 302 11.98 1.17 -18.38
N LEU B 303 11.88 2.48 -18.13
CA LEU B 303 12.05 3.02 -16.80
C LEU B 303 10.71 3.23 -16.07
N PHE B 304 10.48 2.44 -15.01
CA PHE B 304 9.29 2.59 -14.19
C PHE B 304 9.65 3.36 -12.92
N CYS B 305 8.91 4.42 -12.63
CA CYS B 305 8.99 5.11 -11.34
C CYS B 305 7.61 5.29 -10.73
N ARG B 306 7.57 5.45 -9.41
CA ARG B 306 6.34 5.66 -8.68
C ARG B 306 6.58 6.73 -7.62
N THR B 307 5.52 7.37 -7.16
CA THR B 307 5.64 8.39 -6.14
C THR B 307 5.18 7.82 -4.80
N VAL B 308 6.04 7.94 -3.79
CA VAL B 308 5.75 7.43 -2.44
C VAL B 308 5.64 8.60 -1.45
N TRP B 309 4.45 8.78 -0.88
CA TRP B 309 4.24 9.78 0.16
C TRP B 309 4.48 9.16 1.52
N SER B 310 5.16 9.90 2.40
CA SER B 310 5.35 9.47 3.78
C SER B 310 4.08 9.75 4.58
N ALA B 311 3.98 9.12 5.74
CA ALA B 311 3.07 9.62 6.77
C ALA B 311 3.48 11.04 7.10
N HIS B 312 2.48 11.86 7.41
CA HIS B 312 2.68 13.21 7.89
C HIS B 312 3.60 13.17 9.12
N SER B 313 4.55 14.09 9.20
CA SER B 313 5.56 14.03 10.25
C SER B 313 4.98 14.32 11.64
N GLY B 314 4.04 15.25 11.72
CA GLY B 314 3.56 15.69 13.01
C GLY B 314 4.17 17.02 13.41
N PRO B 315 3.66 17.66 14.48
CA PRO B 315 4.03 19.03 14.86
C PRO B 315 5.33 19.15 15.68
N THR B 316 5.86 18.04 16.17
CA THR B 316 7.04 18.13 17.04
C THR B 316 8.16 18.95 16.39
N ARG B 317 8.98 19.56 17.24
CA ARG B 317 9.93 20.56 16.81
C ARG B 317 10.98 19.96 15.88
N MET B 318 11.47 18.78 16.25
CA MET B 318 12.49 18.10 15.45
C MET B 318 11.89 16.97 14.62
N ALA B 319 10.63 17.13 14.24
CA ALA B 319 9.93 16.11 13.46
C ALA B 319 10.52 15.95 12.06
N THR B 320 10.64 14.70 11.64
CA THR B 320 11.01 14.39 10.26
C THR B 320 10.10 13.31 9.69
N ALA B 321 9.67 13.52 8.45
CA ALA B 321 8.93 12.48 7.74
C ALA B 321 9.90 11.75 6.82
N VAL B 322 9.72 10.44 6.70
CA VAL B 322 10.60 9.63 5.89
C VAL B 322 9.82 8.85 4.84
N ALA B 323 10.27 8.91 3.60
CA ALA B 323 9.68 8.10 2.53
C ALA B 323 10.73 7.13 2.00
N ARG B 324 10.41 5.85 2.06
CA ARG B 324 11.34 4.79 1.67
C ARG B 324 10.90 4.08 0.40
N CYS B 325 11.86 3.63 -0.38
CA CYS B 325 11.60 2.75 -1.52
C CYS B 325 11.69 1.29 -1.08
N ALA B 326 11.22 0.40 -1.94
CA ALA B 326 11.42 -1.03 -1.75
C ALA B 326 12.89 -1.36 -1.93
N PRO B 327 13.34 -2.50 -1.39
CA PRO B 327 14.77 -2.85 -1.40
C PRO B 327 15.34 -2.93 -2.82
N ASP B 328 14.52 -3.35 -3.79
CA ASP B 328 15.00 -3.49 -5.15
C ASP B 328 14.73 -2.27 -6.03
N GLU B 329 14.31 -1.18 -5.42
CA GLU B 329 14.15 0.09 -6.12
C GLU B 329 15.27 1.06 -5.76
N GLU B 330 15.50 2.05 -6.61
CA GLU B 330 16.38 3.17 -6.30
C GLU B 330 15.55 4.41 -6.00
N LEU B 331 16.02 5.23 -5.07
CA LEU B 331 15.43 6.52 -4.83
C LEU B 331 16.11 7.54 -5.74
N LEU B 332 15.38 8.09 -6.70
CA LEU B 332 16.00 8.98 -7.68
C LEU B 332 15.76 10.45 -7.42
N SER B 333 14.80 10.76 -6.55
CA SER B 333 14.59 12.14 -6.12
C SER B 333 13.73 12.21 -4.86
N CYS B 334 13.65 13.39 -4.28
CA CYS B 334 13.06 13.58 -2.97
C CYS B 334 12.52 15.01 -2.87
N SER B 335 11.22 15.15 -2.68
CA SER B 335 10.64 16.48 -2.48
C SER B 335 9.85 16.50 -1.18
N SER B 336 9.28 17.65 -0.85
CA SER B 336 8.49 17.75 0.36
C SER B 336 7.33 18.71 0.16
N PHE B 337 6.33 18.58 1.02
CA PHE B 337 5.14 19.42 0.91
C PHE B 337 4.55 19.70 2.28
N SER B 338 4.06 20.91 2.46
CA SER B 338 3.32 21.28 3.65
C SER B 338 2.13 22.15 3.23
N ARG B 339 0.97 21.91 3.85
CA ARG B 339 -0.22 22.66 3.52
C ARG B 339 -0.09 24.12 3.95
N SER B 340 0.52 24.34 5.12
CA SER B 340 0.78 25.68 5.62
C SER B 340 1.98 26.31 4.91
N GLY B 341 2.95 25.49 4.53
CA GLY B 341 4.14 26.01 3.87
C GLY B 341 5.29 26.24 4.82
N LYS B 342 5.04 26.02 6.11
CA LYS B 342 6.10 26.14 7.11
C LYS B 342 6.94 24.87 7.11
N ARG B 343 8.07 24.91 6.40
CA ARG B 343 8.88 23.72 6.20
C ARG B 343 10.36 24.07 6.07
N ARG B 344 11.21 23.08 6.34
CA ARG B 344 12.65 23.26 6.23
C ARG B 344 13.24 22.38 5.13
N GLY B 345 12.39 21.94 4.20
CA GLY B 345 12.88 21.23 3.04
C GLY B 345 13.07 19.74 3.23
N GLU B 346 13.94 19.14 2.42
CA GLU B 346 14.12 17.69 2.44
C GLU B 346 15.55 17.31 2.05
N ARG B 347 15.99 16.14 2.49
CA ARG B 347 17.32 15.65 2.14
C ARG B 347 17.25 14.17 1.79
N MET B 348 18.19 13.73 0.96
CA MET B 348 18.35 12.31 0.71
C MET B 348 19.49 11.80 1.58
N GLU B 349 19.20 10.76 2.37
CA GLU B 349 20.19 10.19 3.30
C GLU B 349 20.17 8.67 3.29
N ALA B 350 21.24 8.04 3.79
CA ALA B 350 21.34 6.59 3.81
C ALA B 350 20.97 5.99 5.16
N GLN B 351 20.19 4.91 5.13
CA GLN B 351 19.83 4.15 6.34
C GLN B 351 19.88 2.65 6.04
N GLY B 352 20.70 1.93 6.79
CA GLY B 352 20.92 0.53 6.49
C GLY B 352 21.66 0.36 5.17
N GLY B 353 22.13 1.46 4.60
CA GLY B 353 22.81 1.39 3.31
C GLY B 353 21.86 1.61 2.14
N LYS B 354 20.63 2.02 2.45
CA LYS B 354 19.69 2.44 1.42
C LYS B 354 19.34 3.91 1.62
N LEU B 355 19.40 4.68 0.54
CA LEU B 355 19.00 6.08 0.60
C LEU B 355 17.51 6.21 0.85
N VAL B 356 17.14 7.16 1.70
CA VAL B 356 15.74 7.44 1.95
C VAL B 356 15.51 8.93 1.74
N CYS B 357 14.24 9.30 1.74
CA CYS B 357 13.85 10.69 1.56
C CYS B 357 13.32 11.22 2.90
N ARG B 358 13.95 12.29 3.38
CA ARG B 358 13.71 12.77 4.73
C ARG B 358 13.38 14.26 4.70
N ALA B 359 12.21 14.61 5.23
CA ALA B 359 11.75 16.00 5.19
C ALA B 359 11.69 16.58 6.58
N HIS B 360 11.99 17.87 6.69
CA HIS B 360 12.05 18.53 7.98
C HIS B 360 10.93 19.53 8.16
N ASN B 361 10.24 19.42 9.29
CA ASN B 361 9.20 20.36 9.66
C ASN B 361 9.83 21.65 10.17
N ALA B 362 9.13 22.77 9.96
CA ALA B 362 9.51 24.02 10.61
C ALA B 362 9.13 23.94 12.09
N PHE B 363 10.01 24.45 12.94
CA PHE B 363 9.84 24.35 14.39
C PHE B 363 8.43 24.75 14.85
N GLY B 364 7.85 25.75 14.19
CA GLY B 364 6.52 26.19 14.56
C GLY B 364 5.41 25.70 13.63
N GLY B 365 5.73 24.68 12.83
CA GLY B 365 4.78 24.18 11.85
C GLY B 365 3.99 22.96 12.31
N GLU B 366 2.99 22.58 11.50
CA GLU B 366 2.08 21.49 11.84
C GLU B 366 2.65 20.15 11.38
N GLY B 367 3.61 20.20 10.47
CA GLY B 367 4.18 18.98 9.94
C GLY B 367 4.32 19.00 8.43
N VAL B 368 5.14 18.10 7.91
CA VAL B 368 5.41 18.04 6.48
C VAL B 368 5.31 16.61 5.96
N TYR B 369 5.16 16.46 4.64
CA TYR B 369 5.29 15.16 4.01
C TYR B 369 6.63 15.05 3.29
N ALA B 370 7.25 13.89 3.38
CA ALA B 370 8.38 13.57 2.49
C ALA B 370 7.82 12.79 1.31
N ILE B 371 8.33 13.07 0.12
CA ILE B 371 7.79 12.46 -1.09
C ILE B 371 8.90 11.89 -1.95
N ALA B 372 8.92 10.57 -2.04
CA ALA B 372 10.02 9.86 -2.69
C ALA B 372 9.63 9.49 -4.12
N ARG B 373 10.62 9.50 -5.01
CA ARG B 373 10.43 9.00 -6.35
C ARG B 373 11.25 7.73 -6.47
N CYS B 374 10.58 6.60 -6.55
CA CYS B 374 11.23 5.30 -6.47
C CYS B 374 11.12 4.56 -7.81
N CYS B 375 12.25 4.09 -8.32
CA CYS B 375 12.30 3.55 -9.67
C CYS B 375 13.01 2.20 -9.75
N LEU B 376 12.69 1.43 -10.78
CA LEU B 376 13.37 0.18 -11.04
C LEU B 376 14.51 0.43 -12.03
N LEU B 377 15.73 0.42 -11.52
CA LEU B 377 16.91 0.72 -12.32
C LEU B 377 18.01 -0.23 -11.88
N PRO B 378 18.01 -1.46 -12.43
CA PRO B 378 18.95 -2.50 -11.97
C PRO B 378 20.40 -2.12 -12.24
N GLN B 379 20.73 -1.84 -13.49
CA GLN B 379 22.09 -1.45 -13.88
C GLN B 379 22.35 -0.03 -13.41
N ALA B 380 22.25 0.18 -12.10
CA ALA B 380 22.37 1.50 -11.53
C ALA B 380 23.31 1.51 -10.35
N ASN B 381 24.27 2.43 -10.40
CA ASN B 381 25.04 2.82 -9.24
C ASN B 381 24.76 4.29 -8.99
N CYS B 382 23.99 4.59 -7.96
CA CYS B 382 23.63 5.98 -7.66
C CYS B 382 24.29 6.44 -6.37
N SER B 383 24.25 7.75 -6.15
CA SER B 383 24.82 8.36 -4.96
C SER B 383 24.32 9.79 -4.83
N VAL B 384 24.57 10.39 -3.68
CA VAL B 384 24.15 11.76 -3.44
C VAL B 384 25.36 12.67 -3.28
N HIS B 385 25.28 13.86 -3.85
CA HIS B 385 26.31 14.87 -3.67
C HIS B 385 25.69 16.04 -2.92
N THR B 386 26.34 16.45 -1.83
CA THR B 386 25.79 17.52 -1.00
C THR B 386 26.76 18.68 -0.81
N ALA B 387 26.22 19.90 -0.90
CA ALA B 387 26.98 21.10 -0.54
C ALA B 387 26.22 21.86 0.54
N PRO B 388 26.93 22.33 1.58
CA PRO B 388 26.35 23.14 2.65
C PRO B 388 26.01 24.54 2.14
N PRO B 389 25.30 25.34 2.95
CA PRO B 389 24.97 26.69 2.49
C PRO B 389 26.22 27.49 2.08
N ALA B 390 26.10 28.25 1.00
CA ALA B 390 27.22 29.04 0.51
C ALA B 390 27.27 30.38 1.24
N GLU B 391 26.09 30.94 1.52
CA GLU B 391 25.95 32.14 2.33
C GLU B 391 26.81 33.30 1.87
N ALA B 392 26.15 34.39 1.47
CA ALA B 392 26.85 35.54 0.92
C ALA B 392 27.46 35.15 -0.42
N SER B 393 26.79 34.23 -1.10
CA SER B 393 27.10 33.90 -2.48
C SER B 393 25.83 34.08 -3.31
N MET B 394 25.93 33.88 -4.62
CA MET B 394 24.75 33.83 -5.47
C MET B 394 23.81 32.76 -4.93
N GLY B 395 24.29 31.52 -4.89
CA GLY B 395 23.49 30.44 -4.34
C GLY B 395 24.33 29.20 -4.08
N THR B 396 23.72 28.22 -3.42
CA THR B 396 24.40 26.96 -3.14
C THR B 396 24.29 26.04 -4.35
N ARG B 397 25.43 25.56 -4.83
CA ARG B 397 25.46 24.73 -6.03
C ARG B 397 26.21 23.42 -5.81
N VAL B 398 25.83 22.40 -6.57
CA VAL B 398 26.55 21.14 -6.58
C VAL B 398 26.15 20.41 -7.85
N HIS B 399 27.02 19.53 -8.34
CA HIS B 399 26.70 18.80 -9.56
C HIS B 399 27.42 17.46 -9.65
N CYS B 400 26.90 16.57 -10.50
CA CYS B 400 27.54 15.28 -10.71
C CYS B 400 28.77 15.50 -11.56
N HIS B 401 29.94 15.40 -10.93
CA HIS B 401 31.19 15.88 -11.52
C HIS B 401 31.78 14.93 -12.57
N GLN B 402 31.60 13.63 -12.36
CA GLN B 402 32.22 12.65 -13.24
C GLN B 402 31.44 12.44 -14.54
N GLN B 403 32.15 12.00 -15.57
CA GLN B 403 31.55 11.75 -16.87
C GLN B 403 30.82 10.41 -16.90
N GLY B 404 29.63 10.41 -17.51
CA GLY B 404 28.84 9.19 -17.60
C GLY B 404 27.72 9.15 -16.57
N HIS B 405 27.76 10.07 -15.61
CA HIS B 405 26.73 10.13 -14.57
C HIS B 405 25.66 11.17 -14.91
N VAL B 406 24.40 10.81 -14.66
CA VAL B 406 23.30 11.75 -14.86
C VAL B 406 22.64 12.16 -13.55
N LEU B 407 22.19 13.41 -13.52
CA LEU B 407 21.42 13.94 -12.41
C LEU B 407 19.97 13.51 -12.56
N THR B 408 19.39 12.93 -11.52
CA THR B 408 18.01 12.47 -11.59
C THR B 408 17.10 13.22 -10.63
N GLY B 409 17.69 13.92 -9.67
CA GLY B 409 16.90 14.70 -8.72
C GLY B 409 17.70 15.75 -7.95
N CYS B 410 17.03 16.85 -7.62
CA CYS B 410 17.58 17.85 -6.69
C CYS B 410 16.75 17.93 -5.42
N SER B 411 17.41 18.15 -4.29
CA SER B 411 16.72 18.39 -3.03
C SER B 411 17.40 19.51 -2.27
N SER B 412 16.72 20.04 -1.26
CA SER B 412 17.25 21.13 -0.48
C SER B 412 16.61 21.19 0.90
N HIS B 413 17.41 21.51 1.92
CA HIS B 413 16.93 21.65 3.28
C HIS B 413 17.74 22.74 3.99
N TRP B 414 17.08 23.51 4.84
CA TRP B 414 17.72 24.61 5.52
C TRP B 414 17.49 24.56 7.02
N GLU B 415 18.23 25.37 7.77
CA GLU B 415 18.26 25.26 9.23
C GLU B 415 17.56 26.43 9.89
N VAL B 416 17.36 27.50 9.13
CA VAL B 416 16.73 28.71 9.62
C VAL B 416 15.21 28.58 9.62
N GLU B 417 14.52 29.67 9.98
CA GLU B 417 13.07 29.75 9.84
C GLU B 417 12.70 30.82 8.82
N ASP B 418 13.68 31.67 8.50
CA ASP B 418 13.49 32.78 7.59
C ASP B 418 14.56 32.74 6.50
N LEU B 419 14.24 33.26 5.31
CA LEU B 419 15.22 33.36 4.24
C LEU B 419 14.70 34.14 3.05
N PRO B 433 23.92 22.11 -16.29
CA PRO B 433 24.05 20.74 -16.78
C PRO B 433 24.53 19.77 -15.69
N ASN B 434 23.64 18.87 -15.28
CA ASN B 434 23.92 17.96 -14.18
C ASN B 434 24.13 18.70 -12.87
N GLN B 435 23.59 19.92 -12.79
CA GLN B 435 23.81 20.79 -11.63
C GLN B 435 22.51 21.13 -10.88
N CYS B 436 22.56 21.13 -9.56
CA CYS B 436 21.44 21.60 -8.75
C CYS B 436 21.80 22.93 -8.10
N VAL B 437 20.84 23.84 -8.06
CA VAL B 437 21.05 25.12 -7.40
C VAL B 437 20.06 25.34 -6.28
N GLY B 438 20.53 25.89 -5.16
CA GLY B 438 19.66 26.16 -4.05
C GLY B 438 19.83 27.57 -3.51
N HIS B 439 18.94 27.95 -2.61
CA HIS B 439 19.04 29.23 -1.93
C HIS B 439 20.37 29.30 -1.20
N ARG B 440 20.95 30.49 -1.13
CA ARG B 440 22.28 30.65 -0.55
C ARG B 440 22.36 30.22 0.90
N GLU B 441 21.21 30.15 1.56
CA GLU B 441 21.18 29.76 2.97
C GLU B 441 20.85 28.28 3.17
N ALA B 442 20.65 27.56 2.07
CA ALA B 442 20.23 26.17 2.16
C ALA B 442 21.34 25.22 1.71
N SER B 443 21.33 24.01 2.25
CA SER B 443 22.16 22.94 1.73
C SER B 443 21.50 22.42 0.45
N ILE B 444 22.32 21.86 -0.43
CA ILE B 444 21.81 21.37 -1.72
C ILE B 444 22.29 19.94 -1.93
N HIS B 445 21.40 19.11 -2.47
CA HIS B 445 21.65 17.69 -2.62
C HIS B 445 21.29 17.26 -4.02
N ALA B 446 22.23 16.62 -4.71
CA ALA B 446 21.94 16.09 -6.02
C ALA B 446 21.99 14.58 -5.96
N SER B 447 21.03 13.94 -6.61
CA SER B 447 21.08 12.50 -6.80
C SER B 447 21.76 12.23 -8.12
N CYS B 448 22.82 11.44 -8.10
CA CYS B 448 23.61 11.15 -9.28
C CYS B 448 23.71 9.65 -9.50
N CYS B 449 23.41 9.20 -10.71
CA CYS B 449 23.53 7.78 -11.04
C CYS B 449 24.44 7.55 -12.23
N HIS B 450 25.23 6.49 -12.14
CA HIS B 450 25.91 5.97 -13.33
C HIS B 450 25.00 4.93 -13.98
N ALA B 451 24.40 5.32 -15.09
CA ALA B 451 23.50 4.44 -15.82
C ALA B 451 23.57 4.79 -17.31
N PRO B 452 24.49 4.15 -18.03
CA PRO B 452 24.78 4.50 -19.43
C PRO B 452 23.56 4.33 -20.35
N GLY B 453 22.72 3.36 -20.02
CA GLY B 453 21.56 3.08 -20.85
C GLY B 453 20.54 4.20 -20.78
N LEU B 454 20.80 5.21 -19.95
CA LEU B 454 19.80 6.21 -19.62
C LEU B 454 20.11 7.57 -20.21
N GLU B 455 19.07 8.24 -20.70
CA GLU B 455 19.18 9.62 -21.17
C GLU B 455 18.21 10.51 -20.36
N CYS B 456 18.68 11.66 -19.90
CA CYS B 456 17.81 12.57 -19.17
C CYS B 456 17.86 14.00 -19.72
N LYS B 457 16.76 14.71 -19.55
CA LYS B 457 16.69 16.12 -19.92
C LYS B 457 15.90 16.87 -18.85
N VAL B 458 16.08 18.19 -18.82
CA VAL B 458 15.35 19.03 -17.89
C VAL B 458 14.38 19.92 -18.64
N LYS B 459 13.12 19.92 -18.21
CA LYS B 459 12.11 20.79 -18.79
C LYS B 459 11.59 21.72 -17.72
N GLU B 460 11.45 23.00 -18.06
CA GLU B 460 11.03 24.00 -17.10
C GLU B 460 9.80 24.76 -17.59
N HIS B 461 8.94 25.14 -16.67
CA HIS B 461 7.81 26.02 -16.98
C HIS B 461 7.63 27.00 -15.83
N GLY B 462 7.68 28.29 -16.15
CA GLY B 462 7.49 29.30 -15.13
C GLY B 462 6.20 30.08 -15.32
N ILE B 463 5.48 30.30 -14.23
CA ILE B 463 4.31 31.17 -14.25
C ILE B 463 4.54 32.39 -13.38
N PRO B 464 4.39 33.60 -13.96
CA PRO B 464 4.63 34.86 -13.26
C PRO B 464 3.72 35.05 -12.05
N ALA B 465 2.42 34.90 -12.28
CA ALA B 465 1.46 34.97 -11.18
C ALA B 465 0.79 33.62 -10.98
N PRO B 466 1.40 32.74 -10.16
CA PRO B 466 0.83 31.41 -9.96
C PRO B 466 -0.57 31.50 -9.36
N GLN B 467 -1.56 31.06 -10.11
CA GLN B 467 -2.94 31.09 -9.63
C GLN B 467 -3.05 30.29 -8.34
N GLU B 468 -2.48 29.09 -8.36
CA GLU B 468 -2.45 28.22 -7.18
C GLU B 468 -1.31 27.21 -7.31
N GLN B 469 -1.10 26.73 -8.52
CA GLN B 469 -0.05 25.76 -8.79
C GLN B 469 0.52 25.91 -10.19
N VAL B 470 1.81 25.61 -10.33
CA VAL B 470 2.47 25.58 -11.63
C VAL B 470 2.90 24.15 -11.89
N THR B 471 2.65 23.66 -13.10
CA THR B 471 3.01 22.29 -13.43
C THR B 471 3.78 22.24 -14.75
N VAL B 472 4.59 21.19 -14.90
CA VAL B 472 5.24 20.90 -16.17
C VAL B 472 5.38 19.37 -16.31
N ALA B 473 5.22 18.86 -17.52
CA ALA B 473 5.12 17.43 -17.73
C ALA B 473 6.16 16.90 -18.68
N CYS B 474 6.68 15.72 -18.39
CA CYS B 474 7.61 15.06 -19.30
C CYS B 474 6.87 14.67 -20.58
N GLU B 475 7.62 14.62 -21.68
CA GLU B 475 7.05 14.18 -22.94
C GLU B 475 6.65 12.72 -22.89
N GLU B 476 5.68 12.37 -23.73
CA GLU B 476 5.19 11.00 -23.87
C GLU B 476 6.38 10.07 -24.16
N GLY B 477 6.52 9.02 -23.36
CA GLY B 477 7.63 8.10 -23.56
C GLY B 477 8.84 8.38 -22.67
N TRP B 478 8.77 9.49 -21.93
CA TRP B 478 9.79 9.80 -20.93
C TRP B 478 9.23 9.59 -19.52
N THR B 479 10.11 9.34 -18.56
CA THR B 479 9.66 9.15 -17.20
C THR B 479 10.19 10.24 -16.29
N LEU B 480 9.28 10.87 -15.55
CA LEU B 480 9.65 11.86 -14.54
C LEU B 480 10.44 11.16 -13.43
N THR B 481 11.66 11.61 -13.19
CA THR B 481 12.45 11.10 -12.07
C THR B 481 12.57 12.15 -10.97
N GLY B 482 12.42 13.42 -11.34
CA GLY B 482 12.66 14.48 -10.39
C GLY B 482 11.80 15.70 -10.60
N CYS B 483 11.32 16.26 -9.50
CA CYS B 483 10.38 17.38 -9.55
C CYS B 483 10.71 18.38 -8.47
N SER B 484 10.95 19.62 -8.85
CA SER B 484 11.26 20.64 -7.85
C SER B 484 10.95 22.06 -8.34
N ALA B 485 10.95 23.00 -7.41
CA ALA B 485 10.72 24.39 -7.73
C ALA B 485 12.05 25.13 -7.86
N LEU B 486 12.15 26.00 -8.86
CA LEU B 486 13.35 26.80 -9.02
C LEU B 486 13.44 27.81 -7.88
N PRO B 487 14.62 27.90 -7.25
CA PRO B 487 14.79 28.67 -6.01
C PRO B 487 14.50 30.16 -6.17
N GLY B 488 14.27 30.81 -5.04
CA GLY B 488 13.97 32.23 -5.06
C GLY B 488 13.48 32.72 -3.70
N THR B 489 12.35 33.40 -3.70
CA THR B 489 11.73 33.86 -2.46
C THR B 489 10.22 33.61 -2.51
N SER B 490 9.82 32.71 -3.41
CA SER B 490 8.43 32.32 -3.55
C SER B 490 7.99 31.60 -2.28
N HIS B 491 6.77 31.87 -1.85
CA HIS B 491 6.18 31.15 -0.72
C HIS B 491 5.57 29.85 -1.24
N VAL B 492 6.45 28.94 -1.63
CA VAL B 492 6.03 27.65 -2.17
C VAL B 492 5.72 26.68 -1.04
N LEU B 493 4.65 25.91 -1.21
CA LEU B 493 4.25 24.94 -0.20
C LEU B 493 5.05 23.65 -0.41
N GLY B 494 5.53 23.46 -1.63
CA GLY B 494 6.30 22.27 -1.92
C GLY B 494 6.10 21.79 -3.34
N ALA B 495 6.58 20.58 -3.63
CA ALA B 495 6.48 20.03 -4.97
C ALA B 495 6.34 18.51 -4.88
N TYR B 496 5.74 17.92 -5.91
CA TYR B 496 5.61 16.46 -6.00
C TYR B 496 5.33 16.02 -7.42
N ALA B 497 5.74 14.81 -7.72
CA ALA B 497 5.43 14.20 -9.01
C ALA B 497 4.05 13.57 -8.95
N VAL B 498 3.21 13.91 -9.92
CA VAL B 498 1.95 13.18 -10.14
C VAL B 498 2.09 12.44 -11.46
N ASP B 499 2.33 11.14 -11.38
CA ASP B 499 2.65 10.34 -12.56
C ASP B 499 3.89 10.91 -13.27
N ASN B 500 3.73 11.46 -14.46
CA ASN B 500 4.88 12.06 -15.16
C ASN B 500 4.81 13.57 -15.25
N THR B 501 4.05 14.18 -14.35
CA THR B 501 3.94 15.63 -14.29
C THR B 501 4.52 16.16 -12.97
N CYS B 502 5.28 17.24 -13.06
CA CYS B 502 5.79 17.91 -11.87
C CYS B 502 4.84 19.01 -11.46
N VAL B 503 4.41 18.95 -10.19
CA VAL B 503 3.51 19.94 -9.63
C VAL B 503 4.21 20.73 -8.54
N VAL B 504 4.21 22.05 -8.67
CA VAL B 504 4.72 22.92 -7.61
C VAL B 504 3.58 23.75 -7.06
N ARG B 505 3.48 23.80 -5.73
CA ARG B 505 2.37 24.48 -5.07
C ARG B 505 2.81 25.76 -4.38
N SER B 506 2.12 26.85 -4.72
CA SER B 506 2.42 28.16 -4.16
C SER B 506 1.25 28.68 -3.35
N ARG B 507 1.54 29.53 -2.37
CA ARG B 507 0.50 30.10 -1.51
C ARG B 507 -0.27 31.21 -2.24
N GLY B 518 8.39 37.46 -7.41
CA GLY B 518 8.77 37.23 -8.79
C GLY B 518 7.82 36.29 -9.50
N ALA B 519 8.31 35.11 -9.88
CA ALA B 519 7.50 34.09 -10.54
C ALA B 519 7.85 32.71 -9.98
N VAL B 520 6.99 31.74 -10.23
CA VAL B 520 7.23 30.37 -9.78
C VAL B 520 7.45 29.43 -10.95
N THR B 521 8.55 28.68 -10.92
CA THR B 521 8.92 27.79 -12.01
C THR B 521 8.99 26.33 -11.57
N ALA B 522 8.24 25.48 -12.26
CA ALA B 522 8.33 24.03 -12.05
C ALA B 522 9.45 23.45 -12.90
N VAL B 523 10.21 22.54 -12.32
CA VAL B 523 11.36 21.94 -13.01
C VAL B 523 11.27 20.41 -12.96
N ALA B 524 11.11 19.79 -14.11
CA ALA B 524 11.03 18.34 -14.18
C ALA B 524 12.28 17.72 -14.80
N ILE B 525 12.78 16.67 -14.17
CA ILE B 525 13.86 15.87 -14.75
C ILE B 525 13.24 14.61 -15.34
N CYS B 526 13.47 14.39 -16.63
CA CYS B 526 12.85 13.30 -17.37
C CYS B 526 13.91 12.40 -18.00
N CYS B 527 13.76 11.09 -17.83
CA CYS B 527 14.69 10.15 -18.46
C CYS B 527 13.94 9.05 -19.19
N ARG B 528 14.61 8.47 -20.19
CA ARG B 528 14.09 7.29 -20.88
C ARG B 528 15.25 6.37 -21.21
N SER B 529 14.94 5.10 -21.39
CA SER B 529 15.93 4.15 -21.87
C SER B 529 16.28 4.42 -23.33
N ARG B 530 17.51 4.08 -23.71
CA ARG B 530 17.88 4.00 -25.12
C ARG B 530 18.52 2.65 -25.38
N HIS B 531 18.00 1.92 -26.36
CA HIS B 531 18.51 0.59 -26.68
C HIS B 531 19.23 0.59 -28.03
#